data_4IHT
#
_entry.id   4IHT
#
_cell.length_a   58.956
_cell.length_b   300.295
_cell.length_c   46.003
_cell.angle_alpha   90.000
_cell.angle_beta   90.000
_cell.angle_gamma   90.000
#
_symmetry.space_group_name_H-M   'P 21 21 2'
#
loop_
_entity.id
_entity.type
_entity.pdbx_description
1 polymer 'HTH-type transcriptional regulator BenM'
2 polymer 'benA site 1 DNA'
3 polymer 'benA site 1 DNA - complement'
4 water water
#
loop_
_entity_poly.entity_id
_entity_poly.type
_entity_poly.pdbx_seq_one_letter_code
_entity_poly.pdbx_strand_id
1 'polypeptide(L)'
;MELRHLRYFVAVVEEQSFTKAADKLCIAQPPLSRQIQNLEEELGIQLLERGSRPVKTTPEGHFFYQYAIKLLSNVDQMVS
MTKRIASGHHHHHH
;
A,B,C,D
2 'polydeoxyribonucleotide'
;(DT)(DA)(DA)(DA)(DA)(DA)(DT)(DA)(DC)(DT)(DC)(DC)(DA)(DT)(DA)(DG)(DG)(DT)(DA)(DT)
(DT)(DT)(DT)(DA)(DT)
;
E,G
3 'polydeoxyribonucleotide'
;(DA)(DT)(DA)(DA)(DA)(DA)(DT)(DA)(DC)(DC)(DT)(DA)(DT)(DG)(DG)(DA)(DG)(DT)(DA)(DT)
(DT)(DT)(DT)(DT)(DA)
;
F,H
#
# COMPACT_ATOMS: atom_id res chain seq x y z
N MET A 1 0.12 -2.93 8.48
CA MET A 1 1.31 -3.01 9.36
C MET A 1 1.16 -2.05 10.56
N GLU A 2 1.38 -2.59 11.74
CA GLU A 2 1.37 -1.82 12.94
C GLU A 2 2.56 -2.25 13.77
N LEU A 3 2.90 -1.44 14.76
CA LEU A 3 3.94 -1.81 15.70
C LEU A 3 3.62 -3.16 16.32
N ARG A 4 2.34 -3.38 16.63
CA ARG A 4 1.86 -4.65 17.16
C ARG A 4 2.47 -5.85 16.44
N HIS A 5 2.39 -5.85 15.11
CA HIS A 5 2.90 -6.96 14.31
C HIS A 5 4.36 -7.13 14.50
N LEU A 6 5.08 -6.02 14.60
CA LEU A 6 6.52 -6.09 14.75
C LEU A 6 6.81 -6.66 16.13
N ARG A 7 6.29 -5.99 17.15
CA ARG A 7 6.53 -6.40 18.54
C ARG A 7 6.24 -7.89 18.72
N TYR A 8 5.15 -8.34 18.12
CA TYR A 8 4.79 -9.75 18.14
C TYR A 8 5.83 -10.57 17.38
N PHE A 9 6.18 -10.11 16.18
CA PHE A 9 7.17 -10.81 15.40
C PHE A 9 8.49 -10.94 16.17
N VAL A 10 8.92 -9.85 16.78
CA VAL A 10 10.15 -9.81 17.54
C VAL A 10 10.12 -10.78 18.71
N ALA A 11 8.99 -10.84 19.41
CA ALA A 11 8.85 -11.76 20.54
C ALA A 11 9.00 -13.22 20.09
N VAL A 12 8.51 -13.54 18.91
CA VAL A 12 8.63 -14.91 18.42
C VAL A 12 10.09 -15.28 18.18
N VAL A 13 10.81 -14.35 17.56
CA VAL A 13 12.13 -14.65 17.09
C VAL A 13 13.06 -14.80 18.28
N GLU A 14 13.02 -13.81 19.17
CA GLU A 14 13.86 -13.83 20.35
C GLU A 14 13.61 -15.08 21.17
N GLU A 15 12.34 -15.47 21.27
CA GLU A 15 11.92 -16.55 22.17
C GLU A 15 11.87 -17.92 21.47
N GLN A 16 11.87 -17.92 20.14
CA GLN A 16 11.86 -19.15 19.33
C GLN A 16 10.67 -20.05 19.60
N SER A 17 9.53 -19.47 19.94
CA SER A 17 8.32 -20.24 20.22
C SER A 17 7.12 -19.33 20.32
N PHE A 18 6.15 -19.55 19.44
CA PHE A 18 4.87 -18.84 19.53
C PHE A 18 4.33 -18.99 20.94
N THR A 19 4.49 -20.18 21.52
CA THR A 19 3.99 -20.40 22.86
C THR A 19 4.69 -19.52 23.86
N LYS A 20 6.02 -19.61 23.90
CA LYS A 20 6.80 -18.81 24.85
C LYS A 20 6.66 -17.33 24.54
N ALA A 21 6.51 -17.03 23.25
CA ALA A 21 6.22 -15.67 22.83
C ALA A 21 4.90 -15.23 23.42
N ALA A 22 3.86 -16.01 23.14
CA ALA A 22 2.50 -15.72 23.59
C ALA A 22 2.41 -15.55 25.11
N ASP A 23 3.17 -16.35 25.85
CA ASP A 23 3.27 -16.19 27.29
C ASP A 23 3.78 -14.79 27.62
N LYS A 24 4.97 -14.47 27.13
CA LYS A 24 5.63 -13.21 27.45
C LYS A 24 4.76 -12.01 27.11
N LEU A 25 4.07 -12.10 25.98
CA LEU A 25 3.18 -11.02 25.52
C LEU A 25 1.87 -10.95 26.29
N CYS A 26 1.54 -11.99 27.06
CA CYS A 26 0.27 -12.07 27.76
C CYS A 26 -0.91 -12.09 26.79
N ILE A 27 -0.77 -12.87 25.72
CA ILE A 27 -1.90 -13.29 24.90
C ILE A 27 -1.83 -14.80 24.63
N ALA A 28 -2.84 -15.35 23.98
CA ALA A 28 -2.86 -16.77 23.65
C ALA A 28 -2.02 -17.05 22.42
N GLN A 29 -1.66 -18.31 22.22
CA GLN A 29 -0.82 -18.71 21.11
C GLN A 29 -1.51 -18.57 19.73
N PRO A 30 -2.78 -18.98 19.60
CA PRO A 30 -3.41 -18.81 18.27
C PRO A 30 -3.52 -17.37 17.77
N PRO A 31 -4.14 -16.45 18.55
CA PRO A 31 -4.23 -15.08 18.03
C PRO A 31 -2.87 -14.53 17.62
N LEU A 32 -1.85 -14.79 18.43
CA LEU A 32 -0.48 -14.49 18.02
C LEU A 32 -0.15 -15.08 16.64
N SER A 33 -0.26 -16.40 16.52
CA SER A 33 -0.03 -17.08 15.25
C SER A 33 -0.81 -16.44 14.09
N ARG A 34 -1.98 -15.87 14.37
CA ARG A 34 -2.78 -15.24 13.30
C ARG A 34 -2.22 -13.87 12.91
N GLN A 35 -1.75 -13.13 13.90
CA GLN A 35 -1.16 -11.83 13.65
C GLN A 35 0.12 -12.00 12.86
N ILE A 36 0.83 -13.10 13.05
CA ILE A 36 2.05 -13.34 12.26
C ILE A 36 1.66 -13.66 10.82
N GLN A 37 0.75 -14.59 10.61
CA GLN A 37 0.21 -14.83 9.26
C GLN A 37 -0.19 -13.55 8.59
N ASN A 38 -0.95 -12.73 9.32
CA ASN A 38 -1.40 -11.45 8.80
C ASN A 38 -0.24 -10.62 8.33
N LEU A 39 0.77 -10.51 9.16
CA LEU A 39 1.96 -9.75 8.81
C LEU A 39 2.53 -10.31 7.51
N GLU A 40 2.75 -11.61 7.49
CA GLU A 40 3.32 -12.27 6.32
C GLU A 40 2.47 -12.11 5.08
N GLU A 41 1.17 -12.42 5.17
CA GLU A 41 0.29 -12.32 4.01
C GLU A 41 0.21 -10.89 3.49
N GLU A 42 0.42 -9.92 4.37
CA GLU A 42 0.42 -8.50 4.00
C GLU A 42 1.65 -8.14 3.20
N LEU A 43 2.81 -8.61 3.66
CA LEU A 43 4.07 -8.48 2.93
C LEU A 43 4.19 -9.44 1.76
N GLY A 44 3.38 -10.47 1.72
CA GLY A 44 3.56 -11.53 0.78
C GLY A 44 4.92 -12.17 0.92
N ILE A 45 5.49 -12.14 2.13
CA ILE A 45 6.82 -12.70 2.40
C ILE A 45 6.79 -13.66 3.58
N GLN A 46 7.53 -14.77 3.45
CA GLN A 46 7.62 -15.77 4.51
C GLN A 46 8.76 -15.45 5.46
N LEU A 47 8.41 -14.92 6.64
CA LEU A 47 9.40 -14.47 7.61
C LEU A 47 9.98 -15.57 8.50
N LEU A 48 9.20 -16.63 8.76
CA LEU A 48 9.64 -17.75 9.61
C LEU A 48 9.62 -19.07 8.85
N GLU A 49 10.58 -19.94 9.16
CA GLU A 49 10.63 -21.27 8.57
C GLU A 49 9.47 -22.04 9.16
N ARG A 50 8.66 -22.64 8.29
CA ARG A 50 7.64 -23.58 8.74
C ARG A 50 8.16 -25.00 8.57
N GLY A 51 7.88 -25.84 9.57
CA GLY A 51 8.31 -27.25 9.58
C GLY A 51 9.47 -27.56 10.51
N SER A 52 9.73 -26.71 11.49
CA SER A 52 10.83 -26.93 12.42
C SER A 52 10.70 -26.23 13.77
N ARG A 53 10.85 -27.04 14.82
CA ARG A 53 11.06 -26.60 16.18
C ARG A 53 12.54 -26.82 16.45
N PRO A 54 13.26 -25.79 16.90
CA PRO A 54 12.83 -24.45 17.25
C PRO A 54 12.46 -23.62 16.03
N VAL A 55 11.83 -22.49 16.27
CA VAL A 55 11.29 -21.65 15.21
C VAL A 55 12.35 -20.66 14.78
N LYS A 56 12.72 -20.72 13.50
CA LYS A 56 13.85 -19.96 12.95
C LYS A 56 13.42 -19.06 11.78
N THR A 57 14.11 -17.95 11.56
CA THR A 57 13.77 -17.03 10.46
C THR A 57 14.35 -17.48 9.13
N THR A 58 13.69 -17.02 8.08
CA THR A 58 14.16 -17.14 6.71
C THR A 58 15.09 -15.97 6.50
N PRO A 59 15.99 -16.06 5.51
CA PRO A 59 16.88 -14.92 5.23
C PRO A 59 16.15 -13.57 5.27
N GLU A 60 14.94 -13.54 4.70
CA GLU A 60 14.12 -12.35 4.69
C GLU A 60 13.66 -12.02 6.10
N GLY A 61 13.27 -13.04 6.86
CA GLY A 61 12.92 -12.88 8.26
C GLY A 61 14.03 -12.19 9.01
N HIS A 62 15.23 -12.73 8.90
CA HIS A 62 16.34 -12.20 9.65
C HIS A 62 16.62 -10.77 9.31
N PHE A 63 16.50 -10.42 8.04
CA PHE A 63 16.72 -9.02 7.62
C PHE A 63 15.69 -8.12 8.30
N PHE A 64 14.44 -8.53 8.22
CA PHE A 64 13.34 -7.78 8.74
C PHE A 64 13.44 -7.62 10.24
N TYR A 65 13.82 -8.70 10.93
CA TYR A 65 13.98 -8.66 12.39
C TYR A 65 14.94 -7.57 12.77
N GLN A 66 16.09 -7.59 12.11
CA GLN A 66 17.10 -6.60 12.36
C GLN A 66 16.51 -5.18 12.29
N TYR A 67 15.72 -4.87 11.26
CA TYR A 67 15.18 -3.50 11.15
C TYR A 67 14.03 -3.26 12.13
N ALA A 68 13.37 -4.34 12.51
CA ALA A 68 12.30 -4.27 13.48
C ALA A 68 12.79 -3.75 14.83
N ILE A 69 13.80 -4.39 15.42
CA ILE A 69 14.19 -4.04 16.79
C ILE A 69 14.79 -2.65 16.83
N LYS A 70 15.59 -2.33 15.83
CA LYS A 70 16.18 -1.00 15.69
C LYS A 70 15.08 0.06 15.58
N LEU A 71 13.97 -0.32 14.97
CA LEU A 71 12.87 0.62 14.70
C LEU A 71 11.96 0.76 15.90
N LEU A 72 11.90 -0.29 16.74
CA LEU A 72 11.08 -0.28 17.95
C LEU A 72 11.84 0.47 19.02
N SER A 73 13.12 0.14 19.15
CA SER A 73 14.06 0.97 19.88
C SER A 73 13.91 2.47 19.59
N ASN A 74 13.80 2.85 18.31
CA ASN A 74 13.73 4.26 17.94
C ASN A 74 12.43 4.89 18.37
N VAL A 75 11.36 4.09 18.39
CA VAL A 75 10.09 4.58 18.90
C VAL A 75 10.25 4.96 20.38
N ASP A 76 10.98 4.14 21.12
CA ASP A 76 11.13 4.34 22.54
C ASP A 76 11.95 5.58 22.86
N GLN A 77 12.98 5.86 22.07
CA GLN A 77 13.71 7.13 22.24
C GLN A 77 12.87 8.32 21.82
N MET A 78 12.11 8.15 20.75
CA MET A 78 11.24 9.20 20.25
C MET A 78 10.30 9.67 21.35
N VAL A 79 9.88 8.74 22.18
CA VAL A 79 8.94 9.03 23.24
C VAL A 79 9.66 9.68 24.42
N SER A 80 10.80 9.11 24.83
CA SER A 80 11.61 9.67 25.92
C SER A 80 12.00 11.11 25.65
N MET A 81 12.70 11.33 24.54
CA MET A 81 13.15 12.67 24.18
C MET A 81 11.97 13.64 24.21
N THR A 82 10.82 13.20 23.72
CA THR A 82 9.65 14.04 23.63
C THR A 82 9.13 14.45 25.01
N LYS A 83 9.21 13.53 25.95
CA LYS A 83 8.79 13.78 27.32
C LYS A 83 9.71 14.76 28.06
N ARG A 84 11.02 14.61 27.85
CA ARG A 84 11.97 15.57 28.43
C ARG A 84 11.62 16.99 28.01
N ILE A 85 11.30 17.16 26.72
CA ILE A 85 10.98 18.48 26.16
C ILE A 85 9.72 19.10 26.79
N ALA A 86 8.73 18.27 27.14
CA ALA A 86 7.49 18.74 27.78
C ALA A 86 7.71 19.22 29.22
N SER A 87 8.82 19.91 29.44
CA SER A 87 9.21 20.41 30.74
C SER A 87 10.01 21.68 30.52
N GLY A 88 9.52 22.52 29.61
CA GLY A 88 10.24 23.73 29.17
C GLY A 88 9.39 24.98 29.16
N HIS A 89 8.12 24.84 28.75
CA HIS A 89 7.11 25.89 28.89
C HIS A 89 7.46 27.13 28.12
N MET B 1 1.91 2.34 21.82
CA MET B 1 1.12 2.98 20.73
C MET B 1 1.30 2.25 19.41
N GLU B 2 0.93 2.89 18.31
CA GLU B 2 0.78 2.23 17.03
C GLU B 2 1.13 3.17 15.89
N LEU B 3 1.36 2.59 14.70
CA LEU B 3 1.62 3.40 13.52
C LEU B 3 0.40 4.21 13.12
N ARG B 4 -0.78 3.65 13.33
CA ARG B 4 -1.99 4.39 13.05
C ARG B 4 -1.90 5.77 13.71
N HIS B 5 -1.55 5.81 15.00
CA HIS B 5 -1.50 7.09 15.75
C HIS B 5 -0.54 8.07 15.15
N LEU B 6 0.61 7.58 14.71
CA LEU B 6 1.60 8.42 14.06
C LEU B 6 1.05 8.97 12.75
N ARG B 7 0.71 8.08 11.83
CA ARG B 7 0.24 8.46 10.50
C ARG B 7 -0.86 9.51 10.58
N TYR B 8 -1.85 9.23 11.41
CA TYR B 8 -2.91 10.19 11.72
C TYR B 8 -2.34 11.54 12.16
N PHE B 9 -1.57 11.52 13.24
CA PHE B 9 -1.00 12.74 13.81
C PHE B 9 -0.24 13.55 12.78
N VAL B 10 0.59 12.86 12.02
CA VAL B 10 1.34 13.48 10.95
C VAL B 10 0.37 14.12 9.96
N ALA B 11 -0.64 13.36 9.54
CA ALA B 11 -1.63 13.89 8.62
C ALA B 11 -2.20 15.20 9.15
N VAL B 12 -2.69 15.14 10.38
CA VAL B 12 -3.25 16.32 11.03
C VAL B 12 -2.29 17.49 10.93
N VAL B 13 -1.08 17.28 11.40
CA VAL B 13 -0.12 18.36 11.51
C VAL B 13 0.12 18.94 10.14
N GLU B 14 0.32 18.08 9.15
CA GLU B 14 0.59 18.51 7.77
C GLU B 14 -0.52 19.41 7.20
N GLU B 15 -1.77 18.98 7.38
CA GLU B 15 -2.92 19.76 6.95
C GLU B 15 -3.27 20.94 7.84
N GLN B 16 -2.63 21.05 8.99
CA GLN B 16 -3.05 22.02 9.99
C GLN B 16 -4.59 22.06 10.13
N SER B 17 -5.24 20.91 9.91
CA SER B 17 -6.65 20.73 10.23
C SER B 17 -7.04 19.28 10.40
N PHE B 18 -7.71 18.98 11.51
CA PHE B 18 -8.28 17.66 11.73
C PHE B 18 -9.25 17.35 10.60
N THR B 19 -10.08 18.33 10.23
CA THR B 19 -11.13 18.14 9.22
C THR B 19 -10.54 17.80 7.85
N LYS B 20 -9.49 18.52 7.47
CA LYS B 20 -8.84 18.32 6.18
C LYS B 20 -8.13 16.98 6.14
N ALA B 21 -7.44 16.69 7.22
CA ALA B 21 -6.73 15.42 7.37
C ALA B 21 -7.71 14.22 7.46
N ALA B 22 -8.91 14.46 7.98
CA ALA B 22 -9.85 13.37 8.22
C ALA B 22 -10.15 12.65 6.93
N ASP B 23 -10.68 13.38 5.97
CA ASP B 23 -11.02 12.79 4.68
C ASP B 23 -9.76 12.53 3.83
N LYS B 24 -8.66 13.20 4.18
CA LYS B 24 -7.36 12.85 3.60
C LYS B 24 -7.08 11.39 3.90
N LEU B 25 -7.34 10.98 5.14
CA LEU B 25 -7.19 9.60 5.59
C LEU B 25 -8.44 8.76 5.32
N CYS B 26 -9.37 9.29 4.54
CA CYS B 26 -10.62 8.60 4.25
C CYS B 26 -11.34 8.12 5.53
N ILE B 27 -11.34 8.96 6.56
CA ILE B 27 -12.14 8.70 7.76
C ILE B 27 -12.80 9.99 8.21
N ALA B 28 -13.65 9.88 9.23
CA ALA B 28 -14.40 11.03 9.76
C ALA B 28 -13.53 11.82 10.72
N GLN B 29 -13.90 13.08 10.95
CA GLN B 29 -13.16 13.94 11.86
C GLN B 29 -13.26 13.52 13.32
N PRO B 30 -14.46 13.10 13.78
CA PRO B 30 -14.55 12.80 15.21
C PRO B 30 -13.69 11.65 15.72
N PRO B 31 -13.62 10.53 14.98
CA PRO B 31 -12.73 9.45 15.40
C PRO B 31 -11.30 9.91 15.42
N LEU B 32 -10.92 10.59 14.33
CA LEU B 32 -9.61 11.20 14.23
C LEU B 32 -9.26 11.89 15.55
N SER B 33 -10.08 12.86 15.95
CA SER B 33 -9.85 13.60 17.19
C SER B 33 -9.52 12.66 18.32
N ARG B 34 -10.39 11.65 18.52
CA ARG B 34 -10.22 10.71 19.60
C ARG B 34 -8.87 10.00 19.53
N GLN B 35 -8.48 9.57 18.34
CA GLN B 35 -7.22 8.87 18.22
C GLN B 35 -6.09 9.78 18.66
N ILE B 36 -6.14 11.02 18.18
CA ILE B 36 -5.13 12.00 18.54
C ILE B 36 -5.17 12.30 20.03
N GLN B 37 -6.37 12.26 20.63
CA GLN B 37 -6.50 12.44 22.06
C GLN B 37 -5.78 11.32 22.78
N ASN B 38 -6.20 10.08 22.53
CA ASN B 38 -5.56 8.90 23.11
C ASN B 38 -4.06 8.95 22.97
N LEU B 39 -3.57 9.44 21.86
CA LEU B 39 -2.12 9.51 21.67
C LEU B 39 -1.49 10.40 22.74
N GLU B 40 -1.99 11.62 22.84
CA GLU B 40 -1.51 12.59 23.81
C GLU B 40 -1.76 12.05 25.21
N GLU B 41 -2.87 11.35 25.37
CA GLU B 41 -3.26 10.78 26.63
C GLU B 41 -2.29 9.66 27.04
N GLU B 42 -1.89 8.83 26.09
CA GLU B 42 -0.99 7.71 26.37
C GLU B 42 0.40 8.20 26.75
N LEU B 43 0.91 9.16 25.98
CA LEU B 43 2.15 9.86 26.30
C LEU B 43 1.99 10.75 27.51
N GLY B 44 0.77 11.15 27.82
CA GLY B 44 0.54 12.11 28.89
C GLY B 44 1.23 13.42 28.57
N ILE B 45 1.10 13.85 27.33
CA ILE B 45 1.74 15.06 26.83
C ILE B 45 0.67 15.83 26.06
N GLN B 46 0.94 17.11 25.77
CA GLN B 46 0.10 17.86 24.86
C GLN B 46 0.88 18.12 23.57
N LEU B 47 0.57 17.39 22.51
CA LEU B 47 1.30 17.50 21.24
C LEU B 47 0.79 18.62 20.34
N LEU B 48 -0.47 19.01 20.51
CA LEU B 48 -1.04 20.13 19.78
C LEU B 48 -1.57 21.21 20.72
N GLU B 49 -1.58 22.45 20.22
CA GLU B 49 -2.06 23.60 21.00
C GLU B 49 -3.54 23.49 21.30
N ARG B 50 -3.94 24.07 22.43
CA ARG B 50 -5.30 23.95 22.96
C ARG B 50 -6.36 24.80 22.24
N GLY B 51 -6.09 25.24 21.02
CA GLY B 51 -7.05 26.06 20.28
C GLY B 51 -6.41 27.03 19.31
N SER B 52 -6.55 26.74 18.01
CA SER B 52 -6.13 27.66 16.95
C SER B 52 -6.65 27.13 15.62
N ARG B 53 -7.33 27.99 14.86
CA ARG B 53 -7.82 27.60 13.54
C ARG B 53 -6.68 27.05 12.69
N PRO B 54 -5.61 27.84 12.51
CA PRO B 54 -4.43 27.21 11.95
C PRO B 54 -3.80 26.29 13.00
N VAL B 55 -4.33 25.07 13.14
CA VAL B 55 -3.89 24.17 14.22
C VAL B 55 -2.42 23.77 14.05
N LYS B 56 -1.69 23.93 15.14
CA LYS B 56 -0.24 23.92 15.09
C LYS B 56 0.28 23.19 16.31
N THR B 57 1.48 22.61 16.16
CA THR B 57 2.06 21.78 17.21
C THR B 57 2.57 22.62 18.37
N THR B 58 2.68 21.99 19.53
CA THR B 58 3.51 22.53 20.60
C THR B 58 4.95 22.20 20.23
N PRO B 59 5.91 22.71 21.00
CA PRO B 59 7.29 22.24 20.88
C PRO B 59 7.41 20.71 20.89
N GLU B 60 6.85 20.08 21.92
CA GLU B 60 6.87 18.61 22.05
C GLU B 60 6.34 18.01 20.77
N GLY B 61 5.27 18.60 20.25
CA GLY B 61 4.68 18.18 18.97
C GLY B 61 5.71 18.20 17.87
N HIS B 62 6.22 19.39 17.56
CA HIS B 62 7.21 19.58 16.49
C HIS B 62 8.29 18.55 16.48
N PHE B 63 8.85 18.26 17.66
CA PHE B 63 9.91 17.29 17.74
C PHE B 63 9.37 15.90 17.37
N PHE B 64 8.37 15.46 18.11
CA PHE B 64 7.66 14.23 17.81
C PHE B 64 7.36 14.17 16.32
N TYR B 65 6.70 15.21 15.83
CA TYR B 65 6.28 15.24 14.45
C TYR B 65 7.42 14.85 13.53
N GLN B 66 8.50 15.63 13.55
CA GLN B 66 9.63 15.32 12.68
C GLN B 66 10.15 13.89 12.87
N TYR B 67 10.30 13.47 14.12
CA TYR B 67 10.75 12.13 14.39
C TYR B 67 9.74 11.14 13.81
N ALA B 68 8.45 11.39 13.99
CA ALA B 68 7.42 10.50 13.44
C ALA B 68 7.61 10.28 11.96
N ILE B 69 7.80 11.38 11.25
CA ILE B 69 7.93 11.31 9.83
C ILE B 69 9.18 10.50 9.45
N LYS B 70 10.20 10.49 10.30
CA LYS B 70 11.40 9.68 10.06
C LYS B 70 11.14 8.20 10.27
N LEU B 71 10.31 7.89 11.26
CA LEU B 71 9.99 6.50 11.60
C LEU B 71 9.09 5.90 10.56
N LEU B 72 8.14 6.67 10.07
CA LEU B 72 7.20 6.11 9.09
C LEU B 72 7.99 5.82 7.80
N SER B 73 8.82 6.78 7.43
CA SER B 73 9.79 6.59 6.39
C SER B 73 10.65 5.32 6.64
N ASN B 74 11.16 5.12 7.86
CA ASN B 74 11.85 3.86 8.18
C ASN B 74 11.01 2.63 7.80
N VAL B 75 9.72 2.63 8.17
CA VAL B 75 8.89 1.45 7.93
C VAL B 75 8.80 1.18 6.43
N ASP B 76 8.61 2.24 5.67
CA ASP B 76 8.65 2.10 4.23
C ASP B 76 9.97 1.46 3.80
N GLN B 77 11.10 2.08 4.13
CA GLN B 77 12.42 1.51 3.81
C GLN B 77 12.50 0.00 4.07
N MET B 78 12.23 -0.38 5.32
CA MET B 78 12.18 -1.76 5.78
C MET B 78 11.40 -2.65 4.79
N VAL B 79 10.22 -2.20 4.41
CA VAL B 79 9.34 -2.99 3.57
C VAL B 79 9.90 -3.11 2.15
N SER B 80 10.35 -1.99 1.59
CA SER B 80 10.96 -1.97 0.26
C SER B 80 12.14 -2.92 0.17
N MET B 81 13.04 -2.86 1.14
CA MET B 81 14.21 -3.71 1.07
C MET B 81 13.83 -5.18 1.21
N THR B 82 12.94 -5.49 2.14
CA THR B 82 12.58 -6.87 2.32
C THR B 82 11.93 -7.36 1.05
N LYS B 83 10.92 -6.64 0.60
CA LYS B 83 10.32 -6.87 -0.72
C LYS B 83 11.40 -7.07 -1.78
N ARG B 84 12.32 -6.12 -1.86
CA ARG B 84 13.39 -6.19 -2.85
C ARG B 84 14.13 -7.53 -2.73
N ILE B 85 14.46 -7.94 -1.51
CA ILE B 85 15.14 -9.23 -1.35
C ILE B 85 14.24 -10.37 -1.79
N ALA B 86 13.05 -10.42 -1.19
CA ALA B 86 12.06 -11.43 -1.55
C ALA B 86 11.86 -11.59 -3.05
N SER B 87 11.83 -10.48 -3.80
CA SER B 87 11.61 -10.53 -5.25
C SER B 87 12.75 -11.21 -6.01
N GLY B 88 13.89 -11.38 -5.36
CA GLY B 88 15.05 -12.01 -5.98
C GLY B 88 15.93 -11.00 -6.67
N HIS B 89 16.01 -9.79 -6.13
CA HIS B 89 16.88 -8.74 -6.67
C HIS B 89 17.78 -8.11 -5.60
N HIS B 90 18.56 -8.97 -4.92
CA HIS B 90 19.59 -8.57 -3.93
C HIS B 90 19.05 -7.59 -2.92
N MET C 1 1.23 0.01 -9.23
CA MET C 1 0.98 -0.96 -10.33
C MET C 1 0.06 -0.36 -11.37
N GLU C 2 0.42 -0.60 -12.62
CA GLU C 2 -0.37 -0.16 -13.73
C GLU C 2 -0.60 -1.35 -14.64
N LEU C 3 -1.63 -1.24 -15.47
CA LEU C 3 -1.94 -2.24 -16.48
C LEU C 3 -0.72 -2.57 -17.31
N ARG C 4 0.09 -1.55 -17.57
CA ARG C 4 1.30 -1.75 -18.35
C ARG C 4 2.10 -2.95 -17.86
N HIS C 5 2.38 -3.00 -16.57
CA HIS C 5 3.12 -4.13 -15.97
C HIS C 5 2.46 -5.47 -16.23
N LEU C 6 1.14 -5.50 -16.26
CA LEU C 6 0.40 -6.72 -16.54
C LEU C 6 0.52 -7.07 -18.02
N ARG C 7 0.32 -6.08 -18.87
CA ARG C 7 0.37 -6.31 -20.30
C ARG C 7 1.73 -6.86 -20.69
N TYR C 8 2.77 -6.33 -20.06
CA TYR C 8 4.13 -6.75 -20.34
C TYR C 8 4.34 -8.13 -19.77
N PHE C 9 4.14 -8.26 -18.46
CA PHE C 9 4.31 -9.55 -17.78
C PHE C 9 3.60 -10.67 -18.52
N VAL C 10 2.38 -10.38 -18.96
CA VAL C 10 1.65 -11.34 -19.76
C VAL C 10 2.49 -11.73 -20.94
N ALA C 11 2.93 -10.74 -21.72
CA ALA C 11 3.63 -11.02 -22.99
C ALA C 11 4.87 -11.86 -22.80
N VAL C 12 5.59 -11.64 -21.70
CA VAL C 12 6.79 -12.41 -21.41
C VAL C 12 6.44 -13.87 -21.13
N VAL C 13 5.36 -14.08 -20.40
CA VAL C 13 4.96 -15.43 -20.01
C VAL C 13 4.53 -16.18 -21.26
N GLU C 14 3.74 -15.51 -22.09
CA GLU C 14 3.17 -16.13 -23.27
C GLU C 14 4.28 -16.52 -24.23
N GLU C 15 5.24 -15.63 -24.42
CA GLU C 15 6.31 -15.86 -25.39
C GLU C 15 7.49 -16.65 -24.82
N GLN C 16 7.57 -16.73 -23.49
CA GLN C 16 8.71 -17.35 -22.79
C GLN C 16 10.07 -16.73 -23.09
N SER C 17 10.09 -15.45 -23.45
CA SER C 17 11.36 -14.78 -23.75
C SER C 17 11.18 -13.27 -23.67
N PHE C 18 12.06 -12.62 -22.92
CA PHE C 18 12.04 -11.18 -22.84
C PHE C 18 12.27 -10.59 -24.22
N THR C 19 13.25 -11.16 -24.93
CA THR C 19 13.52 -10.78 -26.31
C THR C 19 12.25 -10.76 -27.17
N LYS C 20 11.65 -11.94 -27.36
CA LYS C 20 10.50 -12.05 -28.25
C LYS C 20 9.34 -11.20 -27.73
N ALA C 21 9.16 -11.23 -26.41
CA ALA C 21 8.13 -10.44 -25.78
C ALA C 21 8.28 -8.98 -26.16
N ALA C 22 9.50 -8.47 -26.07
CA ALA C 22 9.72 -7.06 -26.34
C ALA C 22 9.41 -6.82 -27.80
N ASP C 23 9.83 -7.76 -28.64
CA ASP C 23 9.64 -7.61 -30.06
C ASP C 23 8.16 -7.42 -30.36
N LYS C 24 7.32 -8.22 -29.71
CA LYS C 24 5.87 -8.16 -29.92
C LYS C 24 5.28 -6.84 -29.44
N LEU C 25 5.70 -6.41 -28.25
CA LEU C 25 5.25 -5.14 -27.67
C LEU C 25 5.77 -3.92 -28.42
N CYS C 26 6.75 -4.12 -29.29
CA CYS C 26 7.36 -3.04 -30.03
C CYS C 26 8.03 -2.08 -29.07
N ILE C 27 8.86 -2.65 -28.19
CA ILE C 27 9.75 -1.91 -27.33
C ILE C 27 11.06 -2.68 -27.16
N ALA C 28 12.04 -2.01 -26.60
CA ALA C 28 13.34 -2.60 -26.40
C ALA C 28 13.31 -3.63 -25.27
N GLN C 29 14.23 -4.58 -25.31
CA GLN C 29 14.28 -5.64 -24.33
C GLN C 29 14.69 -5.17 -22.91
N PRO C 30 15.67 -4.26 -22.80
CA PRO C 30 16.05 -3.77 -21.48
C PRO C 30 14.98 -3.01 -20.69
N PRO C 31 14.16 -2.18 -21.36
CA PRO C 31 13.13 -1.52 -20.57
C PRO C 31 12.14 -2.54 -20.09
N LEU C 32 11.80 -3.48 -20.96
CA LEU C 32 10.88 -4.55 -20.57
C LEU C 32 11.41 -5.22 -19.31
N SER C 33 12.60 -5.81 -19.40
CA SER C 33 13.32 -6.34 -18.23
C SER C 33 13.20 -5.46 -16.98
N ARG C 34 13.39 -4.16 -17.14
CA ARG C 34 13.35 -3.24 -15.99
C ARG C 34 11.94 -3.13 -15.41
N GLN C 35 10.95 -3.05 -16.30
CA GLN C 35 9.57 -2.96 -15.89
C GLN C 35 9.12 -4.20 -15.16
N ILE C 36 9.71 -5.34 -15.53
CA ILE C 36 9.36 -6.59 -14.88
C ILE C 36 9.98 -6.63 -13.50
N GLN C 37 11.19 -6.09 -13.36
CA GLN C 37 11.80 -5.98 -12.04
C GLN C 37 10.91 -5.10 -11.16
N ASN C 38 10.45 -3.99 -11.72
CA ASN C 38 9.66 -3.03 -10.97
C ASN C 38 8.45 -3.70 -10.38
N LEU C 39 7.85 -4.57 -11.18
CA LEU C 39 6.63 -5.27 -10.78
C LEU C 39 6.96 -6.17 -9.63
N GLU C 40 7.92 -7.05 -9.88
CA GLU C 40 8.37 -8.01 -8.88
C GLU C 40 8.75 -7.30 -7.59
N GLU C 41 9.45 -6.17 -7.70
CA GLU C 41 9.98 -5.46 -6.51
C GLU C 41 8.87 -4.77 -5.73
N GLU C 42 7.87 -4.30 -6.45
CA GLU C 42 6.70 -3.70 -5.85
C GLU C 42 5.86 -4.76 -5.12
N LEU C 43 5.72 -5.93 -5.71
CA LEU C 43 5.02 -7.03 -5.06
C LEU C 43 5.85 -7.70 -3.98
N GLY C 44 7.17 -7.64 -4.14
CA GLY C 44 8.10 -8.39 -3.30
C GLY C 44 7.97 -9.88 -3.55
N ILE C 45 7.69 -10.25 -4.80
CA ILE C 45 7.49 -11.65 -5.19
C ILE C 45 8.20 -11.90 -6.49
N GLN C 46 8.78 -13.10 -6.62
CA GLN C 46 9.43 -13.48 -7.85
C GLN C 46 8.46 -14.20 -8.77
N LEU C 47 8.12 -13.58 -9.89
CA LEU C 47 7.11 -14.14 -10.79
C LEU C 47 7.68 -15.11 -11.83
N LEU C 48 8.89 -14.84 -12.31
CA LEU C 48 9.55 -15.64 -13.33
C LEU C 48 10.81 -16.28 -12.79
N GLU C 49 11.04 -17.53 -13.19
CA GLU C 49 12.20 -18.26 -12.73
C GLU C 49 13.39 -17.73 -13.49
N ARG C 50 14.37 -17.21 -12.76
CA ARG C 50 15.65 -16.85 -13.36
C ARG C 50 16.50 -18.10 -13.31
N GLY C 51 17.17 -18.43 -14.41
CA GLY C 51 18.12 -19.53 -14.40
C GLY C 51 17.89 -20.66 -15.39
N SER C 52 16.73 -20.64 -16.06
CA SER C 52 16.46 -21.56 -17.16
C SER C 52 16.08 -20.76 -18.41
N ARG C 53 16.65 -21.13 -19.56
CA ARG C 53 16.54 -20.25 -20.73
C ARG C 53 15.16 -20.21 -21.37
N PRO C 54 14.49 -21.36 -21.55
CA PRO C 54 13.09 -21.10 -21.78
C PRO C 54 12.54 -20.45 -20.51
N VAL C 55 12.19 -19.18 -20.58
CA VAL C 55 11.78 -18.43 -19.41
C VAL C 55 10.39 -18.89 -18.99
N LYS C 56 10.16 -19.01 -17.68
CA LYS C 56 9.02 -19.75 -17.18
C LYS C 56 8.57 -19.21 -15.81
N THR C 57 7.27 -19.22 -15.56
CA THR C 57 6.74 -18.66 -14.33
C THR C 57 6.98 -19.53 -13.12
N THR C 58 6.99 -18.89 -11.96
CA THR C 58 7.01 -19.56 -10.67
C THR C 58 5.58 -19.97 -10.36
N PRO C 59 5.38 -20.77 -9.30
CA PRO C 59 4.02 -21.02 -8.86
C PRO C 59 3.19 -19.72 -8.77
N GLU C 60 3.80 -18.66 -8.25
CA GLU C 60 3.11 -17.40 -8.01
C GLU C 60 2.87 -16.65 -9.31
N GLY C 61 3.88 -16.65 -10.18
CA GLY C 61 3.70 -16.10 -11.52
C GLY C 61 2.53 -16.75 -12.25
N HIS C 62 2.42 -18.06 -12.09
CA HIS C 62 1.35 -18.78 -12.76
C HIS C 62 0.03 -18.26 -12.29
N PHE C 63 -0.15 -18.24 -10.98
CA PHE C 63 -1.35 -17.68 -10.36
C PHE C 63 -1.56 -16.26 -10.85
N PHE C 64 -0.50 -15.45 -10.76
CA PHE C 64 -0.61 -14.06 -11.15
C PHE C 64 -0.99 -13.96 -12.62
N TYR C 65 -0.30 -14.72 -13.46
CA TYR C 65 -0.56 -14.70 -14.90
C TYR C 65 -2.02 -14.94 -15.17
N GLN C 66 -2.55 -15.98 -14.53
CA GLN C 66 -3.93 -16.42 -14.74
C GLN C 66 -4.89 -15.28 -14.41
N TYR C 67 -4.70 -14.66 -13.24
CA TYR C 67 -5.56 -13.58 -12.77
C TYR C 67 -5.46 -12.38 -13.70
N ALA C 68 -4.25 -12.15 -14.18
CA ALA C 68 -3.93 -11.00 -14.96
C ALA C 68 -4.63 -11.00 -16.31
N ILE C 69 -4.58 -12.12 -17.03
CA ILE C 69 -5.14 -12.11 -18.38
C ILE C 69 -6.64 -11.94 -18.26
N LYS C 70 -7.21 -12.50 -17.20
CA LYS C 70 -8.62 -12.31 -16.91
C LYS C 70 -8.91 -10.81 -16.76
N LEU C 71 -8.09 -10.17 -15.94
CA LEU C 71 -8.31 -8.78 -15.57
C LEU C 71 -8.19 -7.86 -16.78
N LEU C 72 -7.21 -8.16 -17.62
CA LEU C 72 -7.02 -7.40 -18.85
C LEU C 72 -8.20 -7.52 -19.80
N SER C 73 -8.76 -8.72 -19.86
CA SER C 73 -9.93 -8.94 -20.67
C SER C 73 -11.08 -8.09 -20.13
N ASN C 74 -11.35 -8.21 -18.84
CA ASN C 74 -12.38 -7.40 -18.23
C ASN C 74 -12.27 -5.94 -18.65
N VAL C 75 -11.05 -5.42 -18.76
CA VAL C 75 -10.87 -4.02 -19.13
C VAL C 75 -11.40 -3.81 -20.55
N ASP C 76 -11.01 -4.71 -21.45
CA ASP C 76 -11.50 -4.70 -22.83
C ASP C 76 -13.02 -4.66 -22.89
N GLN C 77 -13.67 -5.48 -22.06
CA GLN C 77 -15.13 -5.53 -22.03
C GLN C 77 -15.71 -4.21 -21.54
N MET C 78 -15.21 -3.77 -20.40
CA MET C 78 -15.65 -2.54 -19.75
C MET C 78 -15.77 -1.41 -20.75
N VAL C 79 -14.74 -1.27 -21.57
CA VAL C 79 -14.72 -0.25 -22.60
C VAL C 79 -15.83 -0.50 -23.61
N SER C 80 -16.02 -1.76 -24.00
CA SER C 80 -17.04 -2.15 -24.98
C SER C 80 -18.45 -1.85 -24.47
N MET C 81 -18.78 -2.38 -23.30
CA MET C 81 -20.14 -2.28 -22.74
C MET C 81 -20.57 -0.84 -22.38
N THR C 82 -19.61 -0.06 -21.91
CA THR C 82 -19.80 1.37 -21.69
C THR C 82 -20.10 2.06 -23.02
N LYS C 83 -19.27 1.80 -24.04
CA LYS C 83 -19.45 2.40 -25.37
C LYS C 83 -20.86 2.18 -25.89
N ARG C 84 -21.33 0.93 -25.82
CA ARG C 84 -22.65 0.55 -26.34
C ARG C 84 -23.78 1.51 -25.91
N ILE C 85 -23.70 1.98 -24.67
CA ILE C 85 -24.75 2.80 -24.06
C ILE C 85 -24.80 4.22 -24.69
N ALA C 86 -23.71 4.65 -25.31
CA ALA C 86 -23.66 5.92 -26.03
C ALA C 86 -24.22 5.77 -27.44
N MET D 1 -5.29 2.32 -21.88
CA MET D 1 -5.37 3.23 -20.71
C MET D 1 -4.66 2.61 -19.50
N GLU D 2 -4.84 3.20 -18.33
CA GLU D 2 -4.16 2.75 -17.14
C GLU D 2 -5.02 2.81 -15.88
N LEU D 3 -4.62 2.04 -14.88
CA LEU D 3 -5.31 2.03 -13.60
C LEU D 3 -5.31 3.42 -13.01
N ARG D 4 -4.26 4.20 -13.28
CA ARG D 4 -4.22 5.59 -12.85
C ARG D 4 -5.53 6.28 -13.23
N HIS D 5 -5.86 6.29 -14.52
CA HIS D 5 -7.04 7.00 -15.01
C HIS D 5 -8.25 6.61 -14.22
N LEU D 6 -8.42 5.31 -14.01
CA LEU D 6 -9.58 4.80 -13.28
C LEU D 6 -9.58 5.37 -11.87
N ARG D 7 -8.50 5.13 -11.15
CA ARG D 7 -8.37 5.63 -9.78
C ARG D 7 -8.73 7.10 -9.71
N TYR D 8 -8.21 7.88 -10.66
CA TYR D 8 -8.48 9.32 -10.70
C TYR D 8 -9.95 9.59 -10.96
N PHE D 9 -10.51 8.87 -11.91
CA PHE D 9 -11.91 9.04 -12.27
C PHE D 9 -12.79 8.70 -11.08
N VAL D 10 -12.56 7.53 -10.52
CA VAL D 10 -13.28 7.08 -9.34
C VAL D 10 -13.17 8.12 -8.25
N ALA D 11 -11.99 8.70 -8.12
CA ALA D 11 -11.78 9.72 -7.09
C ALA D 11 -12.74 10.88 -7.32
N VAL D 12 -12.72 11.42 -8.53
CA VAL D 12 -13.57 12.55 -8.89
C VAL D 12 -15.05 12.26 -8.66
N VAL D 13 -15.48 11.09 -9.11
CA VAL D 13 -16.90 10.74 -9.11
C VAL D 13 -17.42 10.72 -7.68
N GLU D 14 -16.67 10.04 -6.81
CA GLU D 14 -17.03 9.93 -5.40
C GLU D 14 -17.05 11.31 -4.79
N GLU D 15 -15.94 12.03 -4.90
CA GLU D 15 -15.84 13.38 -4.34
C GLU D 15 -16.82 14.39 -4.97
N GLN D 16 -17.31 14.10 -6.17
CA GLN D 16 -18.17 15.02 -6.94
C GLN D 16 -17.47 16.35 -7.15
N SER D 17 -16.15 16.31 -7.19
CA SER D 17 -15.34 17.48 -7.38
C SER D 17 -13.95 17.07 -7.91
N PHE D 18 -13.46 17.79 -8.91
CA PHE D 18 -12.06 17.65 -9.34
C PHE D 18 -11.15 18.16 -8.22
N THR D 19 -11.58 19.23 -7.58
CA THR D 19 -10.77 19.95 -6.58
C THR D 19 -10.49 19.08 -5.36
N LYS D 20 -11.55 18.53 -4.79
CA LYS D 20 -11.42 17.71 -3.59
C LYS D 20 -10.73 16.40 -3.93
N ALA D 21 -11.08 15.84 -5.09
CA ALA D 21 -10.41 14.64 -5.59
C ALA D 21 -8.90 14.84 -5.72
N ALA D 22 -8.50 16.00 -6.22
CA ALA D 22 -7.09 16.27 -6.51
C ALA D 22 -6.17 15.96 -5.33
N ASP D 23 -6.33 16.69 -4.24
CA ASP D 23 -5.47 16.53 -3.07
C ASP D 23 -5.83 15.30 -2.22
N LYS D 24 -6.99 14.70 -2.46
CA LYS D 24 -7.27 13.38 -1.90
C LYS D 24 -6.29 12.36 -2.49
N LEU D 25 -6.05 12.48 -3.80
CA LEU D 25 -5.04 11.69 -4.50
C LEU D 25 -3.65 12.27 -4.32
N CYS D 26 -3.58 13.51 -3.85
CA CYS D 26 -2.32 14.20 -3.54
C CYS D 26 -1.62 14.67 -4.79
N ILE D 27 -2.38 15.37 -5.64
CA ILE D 27 -1.85 16.06 -6.80
C ILE D 27 -2.59 17.38 -6.98
N ALA D 28 -2.13 18.20 -7.93
CA ALA D 28 -2.80 19.46 -8.25
C ALA D 28 -4.07 19.20 -9.04
N GLN D 29 -4.93 20.21 -9.10
CA GLN D 29 -6.23 20.08 -9.75
C GLN D 29 -6.16 20.06 -11.30
N PRO D 30 -5.28 20.86 -11.89
CA PRO D 30 -5.22 20.85 -13.35
C PRO D 30 -4.78 19.51 -13.99
N PRO D 31 -3.72 18.86 -13.45
CA PRO D 31 -3.30 17.60 -14.02
C PRO D 31 -4.44 16.60 -14.05
N LEU D 32 -5.17 16.52 -12.94
CA LEU D 32 -6.38 15.70 -12.86
C LEU D 32 -7.34 16.01 -14.03
N SER D 33 -7.61 17.28 -14.26
CA SER D 33 -8.58 17.68 -15.29
C SER D 33 -8.19 17.18 -16.68
N ARG D 34 -6.89 17.12 -16.95
CA ARG D 34 -6.39 16.64 -18.24
C ARG D 34 -6.50 15.14 -18.33
N GLN D 35 -6.07 14.47 -17.26
CA GLN D 35 -6.06 13.02 -17.19
C GLN D 35 -7.43 12.47 -17.50
N ILE D 36 -8.44 13.05 -16.88
CA ILE D 36 -9.83 12.65 -17.11
C ILE D 36 -10.21 12.87 -18.56
N GLN D 37 -9.92 14.05 -19.08
CA GLN D 37 -10.20 14.35 -20.47
C GLN D 37 -9.51 13.36 -21.39
N ASN D 38 -8.27 12.99 -21.06
CA ASN D 38 -7.56 11.99 -21.83
C ASN D 38 -8.34 10.70 -21.85
N LEU D 39 -8.70 10.20 -20.68
CA LEU D 39 -9.56 9.03 -20.59
C LEU D 39 -10.81 9.25 -21.42
N GLU D 40 -11.61 10.26 -21.07
CA GLU D 40 -12.83 10.57 -21.80
C GLU D 40 -12.54 10.41 -23.28
N GLU D 41 -11.60 11.21 -23.78
CA GLU D 41 -11.30 11.26 -25.21
C GLU D 41 -10.87 9.90 -25.77
N GLU D 42 -10.02 9.19 -25.04
CA GLU D 42 -9.52 7.85 -25.46
C GLU D 42 -10.70 6.90 -25.72
N LEU D 43 -11.78 7.07 -24.97
CA LEU D 43 -13.01 6.30 -25.14
C LEU D 43 -13.98 6.95 -26.13
N GLY D 44 -13.93 8.28 -26.23
CA GLY D 44 -14.89 9.03 -27.01
C GLY D 44 -16.25 9.12 -26.32
N ILE D 45 -16.22 9.31 -25.00
CA ILE D 45 -17.43 9.47 -24.18
C ILE D 45 -17.21 10.66 -23.26
N GLN D 46 -18.25 11.44 -23.02
CA GLN D 46 -18.20 12.55 -22.08
C GLN D 46 -18.65 12.05 -20.70
N LEU D 47 -17.83 11.18 -20.10
CA LEU D 47 -18.21 10.44 -18.88
C LEU D 47 -18.86 11.27 -17.78
N LEU D 48 -18.50 12.56 -17.73
CA LEU D 48 -19.06 13.47 -16.75
C LEU D 48 -19.89 14.56 -17.40
N GLU D 49 -20.99 14.94 -16.74
CA GLU D 49 -21.91 15.93 -17.26
C GLU D 49 -21.21 17.27 -17.48
N ARG D 50 -21.61 17.94 -18.56
CA ARG D 50 -20.97 19.19 -18.98
C ARG D 50 -21.08 20.25 -17.90
N GLY D 51 -22.31 20.53 -17.47
CA GLY D 51 -22.59 21.61 -16.50
C GLY D 51 -23.12 21.12 -15.17
N SER D 52 -22.25 21.14 -14.15
CA SER D 52 -22.58 20.63 -12.82
C SER D 52 -21.53 20.96 -11.76
N ARG D 53 -21.89 21.78 -10.78
CA ARG D 53 -21.02 22.01 -9.61
C ARG D 53 -20.89 20.71 -8.83
N PRO D 54 -22.00 20.22 -8.24
CA PRO D 54 -21.92 18.83 -7.80
C PRO D 54 -21.79 17.97 -9.06
N VAL D 55 -20.56 17.69 -9.48
CA VAL D 55 -20.33 17.06 -10.77
C VAL D 55 -20.70 15.58 -10.73
N LYS D 56 -21.49 15.16 -11.71
CA LYS D 56 -22.12 13.84 -11.71
C LYS D 56 -21.79 13.13 -12.99
N THR D 57 -21.91 11.81 -12.96
CA THR D 57 -21.67 10.99 -14.15
C THR D 57 -22.82 11.12 -15.12
N THR D 58 -22.56 10.71 -16.36
CA THR D 58 -23.60 10.52 -17.36
C THR D 58 -24.17 9.13 -17.16
N PRO D 59 -25.25 8.82 -17.88
CA PRO D 59 -25.66 7.42 -17.92
C PRO D 59 -24.45 6.49 -18.07
N GLU D 60 -23.57 6.79 -19.02
CA GLU D 60 -22.42 5.96 -19.31
C GLU D 60 -21.47 6.00 -18.13
N GLY D 61 -21.00 7.20 -17.78
CA GLY D 61 -20.11 7.36 -16.65
C GLY D 61 -20.47 6.44 -15.51
N HIS D 62 -21.75 6.43 -15.12
CA HIS D 62 -22.21 5.60 -14.02
C HIS D 62 -21.86 4.15 -14.19
N PHE D 63 -22.24 3.59 -15.34
CA PHE D 63 -21.95 2.17 -15.65
C PHE D 63 -20.46 1.89 -15.67
N PHE D 64 -19.69 2.85 -16.15
CA PHE D 64 -18.25 2.79 -16.19
C PHE D 64 -17.72 2.85 -14.77
N TYR D 65 -18.17 3.87 -14.04
CA TYR D 65 -17.72 4.11 -12.67
C TYR D 65 -17.79 2.84 -11.84
N GLN D 66 -18.90 2.14 -11.93
CA GLN D 66 -19.07 0.93 -11.14
C GLN D 66 -18.22 -0.22 -11.65
N TYR D 67 -18.00 -0.28 -12.95
CA TYR D 67 -17.19 -1.35 -13.54
C TYR D 67 -15.75 -1.13 -13.13
N ALA D 68 -15.30 0.11 -13.25
CA ALA D 68 -13.96 0.49 -12.80
C ALA D 68 -13.75 -0.03 -11.39
N ILE D 69 -14.71 0.32 -10.54
CA ILE D 69 -14.56 0.11 -9.13
C ILE D 69 -14.33 -1.38 -8.87
N LYS D 70 -14.95 -2.23 -9.69
CA LYS D 70 -14.81 -3.68 -9.57
C LYS D 70 -13.41 -4.15 -9.95
N LEU D 71 -12.91 -3.61 -11.06
CA LEU D 71 -11.57 -3.94 -11.55
C LEU D 71 -10.57 -3.58 -10.49
N LEU D 72 -10.59 -2.33 -10.06
CA LEU D 72 -9.68 -1.88 -9.02
C LEU D 72 -9.72 -2.84 -7.83
N SER D 73 -10.91 -3.34 -7.51
CA SER D 73 -11.06 -4.34 -6.48
C SER D 73 -10.43 -5.65 -6.92
N ASN D 74 -10.79 -6.13 -8.11
CA ASN D 74 -10.15 -7.33 -8.66
C ASN D 74 -8.63 -7.24 -8.51
N VAL D 75 -8.10 -6.10 -8.93
CA VAL D 75 -6.68 -5.87 -8.83
C VAL D 75 -6.22 -6.17 -7.42
N ASP D 76 -6.91 -5.61 -6.43
CA ASP D 76 -6.50 -5.77 -5.04
C ASP D 76 -6.59 -7.22 -4.64
N GLN D 77 -7.69 -7.88 -4.98
CA GLN D 77 -7.83 -9.31 -4.69
C GLN D 77 -6.65 -10.07 -5.28
N MET D 78 -6.45 -9.87 -6.58
CA MET D 78 -5.36 -10.50 -7.31
C MET D 78 -4.04 -10.37 -6.61
N VAL D 79 -3.69 -9.15 -6.23
CA VAL D 79 -2.47 -8.90 -5.48
C VAL D 79 -2.54 -9.63 -4.14
N SER D 80 -3.67 -9.53 -3.45
CA SER D 80 -3.82 -10.12 -2.14
C SER D 80 -3.54 -11.61 -2.18
N MET D 81 -4.23 -12.31 -3.06
CA MET D 81 -4.20 -13.75 -3.08
C MET D 81 -2.83 -14.23 -3.54
N THR D 82 -2.18 -13.48 -4.42
CA THR D 82 -0.81 -13.79 -4.80
C THR D 82 0.11 -13.66 -3.60
N LYS D 83 -0.01 -12.55 -2.87
CA LYS D 83 0.72 -12.35 -1.62
C LYS D 83 0.42 -13.47 -0.62
N ARG D 84 -0.82 -13.96 -0.62
CA ARG D 84 -1.20 -15.06 0.26
C ARG D 84 -0.37 -16.30 -0.03
N ILE D 85 -0.19 -16.61 -1.31
CA ILE D 85 0.57 -17.81 -1.73
C ILE D 85 2.04 -17.64 -1.38
N ALA D 86 2.60 -16.54 -1.88
CA ALA D 86 3.99 -16.20 -1.70
C ALA D 86 4.44 -16.33 -0.25
N SER D 87 3.59 -15.90 0.67
CA SER D 87 3.88 -15.95 2.11
C SER D 87 3.86 -17.36 2.71
N GLY D 88 3.54 -18.38 1.89
CA GLY D 88 3.49 -19.77 2.32
C GLY D 88 2.15 -20.19 2.94
N HIS D 89 1.04 -19.68 2.39
CA HIS D 89 -0.28 -19.90 2.98
C HIS D 89 -1.34 -20.15 1.94
N HIS D 90 -1.36 -21.35 1.38
CA HIS D 90 -2.37 -21.78 0.37
C HIS D 90 -2.73 -20.71 -0.63
#